data_2O96
#
_entry.id   2O96
#
_cell.length_a   114.701
_cell.length_b   96.010
_cell.length_c   60.982
_cell.angle_alpha   90.000
_cell.angle_beta   122.140
_cell.angle_gamma   90.000
#
_symmetry.space_group_name_H-M   'C 1 2 1'
#
_entity_poly.entity_id   1
_entity_poly.type   'polypeptide(L)'
_entity_poly.pdbx_seq_one_letter_code
;GMPELAVQKVVVHPLVLLSVVDHFNRIGKVGNQKRVVGVLLGSWQKKVLDVSNSFAVPFDEDDKDDSVWFLDHDYLENMY
GMFKKVNARERIVGWYHTGPKLHKNDIAINELMKRYCPNSVLVIIDVKPKDLGLPTEAYISVEEVHDDGTPTSKTFEHVT
SEIGAEEAEEVGVEHLLR
;
_entity_poly.pdbx_strand_id   A,B
#
# COMPACT_ATOMS: atom_id res chain seq x y z
N PRO A 3 5.72 25.78 -22.29
CA PRO A 3 5.89 24.40 -21.79
C PRO A 3 5.63 23.30 -22.85
N GLU A 4 6.69 22.84 -23.51
CA GLU A 4 6.61 21.76 -24.52
C GLU A 4 6.43 20.37 -23.87
N LEU A 5 6.37 20.37 -22.53
CA LEU A 5 6.37 19.16 -21.70
C LEU A 5 5.07 19.03 -20.90
N ALA A 6 4.53 17.81 -20.86
CA ALA A 6 3.28 17.53 -20.15
C ALA A 6 3.39 17.84 -18.66
N VAL A 7 4.42 17.28 -18.03
CA VAL A 7 4.67 17.45 -16.59
C VAL A 7 5.94 18.26 -16.39
N GLN A 8 5.99 19.08 -15.34
CA GLN A 8 7.23 19.81 -15.02
C GLN A 8 7.67 19.66 -13.56
N LYS A 9 6.85 18.98 -12.77
CA LYS A 9 7.15 18.66 -11.38
C LYS A 9 6.35 17.43 -10.92
N VAL A 10 6.98 16.60 -10.10
CA VAL A 10 6.36 15.42 -9.52
C VAL A 10 6.49 15.51 -8.01
N VAL A 11 5.35 15.45 -7.31
CA VAL A 11 5.33 15.46 -5.85
C VAL A 11 5.07 14.06 -5.36
N VAL A 12 6.11 13.40 -4.89
CA VAL A 12 5.96 12.02 -4.45
C VAL A 12 5.64 12.01 -2.97
N HIS A 13 4.52 11.42 -2.60
CA HIS A 13 4.13 11.39 -1.21
C HIS A 13 4.86 10.32 -0.40
N PRO A 14 5.14 10.62 0.88
CA PRO A 14 5.77 9.70 1.84
C PRO A 14 5.27 8.29 1.67
N LEU A 15 3.96 8.07 1.64
CA LEU A 15 3.42 6.72 1.47
C LEU A 15 4.23 6.03 0.39
N VAL A 16 4.19 6.59 -0.81
CA VAL A 16 4.86 5.95 -1.92
C VAL A 16 6.28 5.59 -1.53
N LEU A 17 7.03 6.57 -1.12
CA LEU A 17 8.43 6.34 -0.83
C LEU A 17 8.55 5.21 0.21
N LEU A 18 7.62 5.17 1.13
CA LEU A 18 7.66 4.25 2.25
C LEU A 18 7.10 2.90 1.82
N SER A 19 6.11 2.95 0.93
CA SER A 19 5.57 1.79 0.22
C SER A 19 6.69 1.06 -0.48
N VAL A 20 7.36 1.75 -1.39
CA VAL A 20 8.44 1.17 -2.19
C VAL A 20 9.59 0.67 -1.31
N VAL A 21 10.18 1.56 -0.51
CA VAL A 21 11.31 1.16 0.35
C VAL A 21 10.99 -0.14 1.09
N ASP A 22 9.83 -0.22 1.74
CA ASP A 22 9.42 -1.43 2.39
C ASP A 22 9.35 -2.58 1.40
N HIS A 23 8.43 -2.50 0.44
CA HIS A 23 8.36 -3.52 -0.61
C HIS A 23 9.73 -4.02 -1.07
N PHE A 24 10.72 -3.13 -1.13
CA PHE A 24 12.04 -3.54 -1.57
C PHE A 24 12.74 -4.44 -0.55
N ASN A 25 13.01 -3.86 0.63
CA ASN A 25 13.61 -4.54 1.79
C ASN A 25 12.80 -5.72 2.29
N ARG A 26 11.47 -5.59 2.26
CA ARG A 26 10.55 -6.62 2.73
C ARG A 26 10.75 -7.93 1.97
N ILE A 27 11.10 -7.84 0.69
CA ILE A 27 11.37 -9.05 -0.10
C ILE A 27 12.88 -9.34 -0.21
N GLY A 28 13.68 -8.55 0.51
CA GLY A 28 15.13 -8.72 0.60
C GLY A 28 15.58 -9.83 1.54
N LYS A 29 14.82 -10.04 2.62
CA LYS A 29 15.06 -11.11 3.59
C LYS A 29 15.07 -12.49 2.92
N VAL A 30 14.42 -12.59 1.74
CA VAL A 30 14.52 -13.77 0.87
C VAL A 30 15.46 -13.51 -0.32
N GLY A 31 16.74 -13.28 0.01
CA GLY A 31 17.79 -13.04 -0.98
C GLY A 31 17.38 -12.27 -2.23
N ASN A 32 16.62 -11.19 -2.04
CA ASN A 32 16.31 -10.28 -3.14
C ASN A 32 17.61 -9.65 -3.62
N GLN A 33 17.94 -9.95 -4.87
CA GLN A 33 19.18 -9.48 -5.48
C GLN A 33 18.96 -8.19 -6.28
N LYS A 34 17.76 -8.04 -6.86
CA LYS A 34 17.54 -7.11 -7.98
C LYS A 34 16.56 -5.97 -7.71
N ARG A 35 16.44 -5.05 -8.66
CA ARG A 35 15.53 -3.89 -8.58
C ARG A 35 14.06 -4.25 -8.75
N VAL A 36 13.22 -3.44 -8.14
CA VAL A 36 11.80 -3.64 -8.11
C VAL A 36 11.16 -2.67 -9.12
N VAL A 37 10.07 -3.08 -9.78
CA VAL A 37 9.40 -2.18 -10.71
C VAL A 37 7.93 -2.10 -10.37
N GLY A 38 7.30 -0.96 -10.61
CA GLY A 38 5.95 -0.77 -10.12
C GLY A 38 5.22 0.36 -10.83
N VAL A 39 4.00 0.63 -10.39
CA VAL A 39 3.14 1.58 -11.03
C VAL A 39 2.88 2.69 -10.06
N LEU A 40 2.68 3.92 -10.56
CA LEU A 40 2.39 5.06 -9.71
C LEU A 40 0.98 5.49 -9.95
N LEU A 41 0.32 5.95 -8.90
CA LEU A 41 -1.04 6.37 -9.03
C LEU A 41 -1.09 7.73 -8.46
N GLY A 42 -1.81 8.64 -9.13
CA GLY A 42 -1.96 9.99 -8.60
C GLY A 42 -2.81 10.91 -9.44
N SER A 43 -2.65 12.21 -9.20
CA SER A 43 -3.51 13.23 -9.79
C SER A 43 -2.64 14.23 -10.54
N TRP A 44 -3.29 15.01 -11.38
CA TRP A 44 -2.62 15.94 -12.28
C TRP A 44 -3.11 17.37 -12.01
N GLN A 45 -2.20 18.34 -12.04
CA GLN A 45 -2.59 19.74 -11.83
C GLN A 45 -2.00 20.67 -12.89
N LYS A 46 -1.56 21.84 -12.45
CA LYS A 46 -0.93 22.78 -13.34
C LYS A 46 0.46 22.27 -13.67
N LYS A 47 0.51 21.15 -14.38
CA LYS A 47 1.76 20.45 -14.74
C LYS A 47 2.54 19.94 -13.53
N VAL A 48 1.94 19.93 -12.34
CA VAL A 48 2.51 19.23 -11.19
C VAL A 48 1.89 17.83 -11.15
N LEU A 49 2.68 16.80 -11.34
CA LEU A 49 2.13 15.48 -11.16
C LEU A 49 2.17 15.15 -9.67
N ASP A 50 1.05 14.67 -9.17
CA ASP A 50 0.99 14.31 -7.78
C ASP A 50 0.93 12.78 -7.67
N VAL A 51 1.96 12.17 -7.07
CA VAL A 51 2.04 10.72 -7.00
C VAL A 51 1.63 10.32 -5.59
N SER A 52 0.38 9.85 -5.47
CA SER A 52 -0.23 9.63 -4.16
C SER A 52 0.01 8.22 -3.70
N ASN A 53 -0.01 7.29 -4.64
CA ASN A 53 0.01 5.87 -4.30
C ASN A 53 0.58 5.04 -5.41
N SER A 54 0.82 3.76 -5.14
CA SER A 54 1.71 2.99 -5.99
C SER A 54 1.57 1.52 -5.68
N PHE A 55 1.62 0.65 -6.67
CA PHE A 55 1.70 -0.75 -6.34
C PHE A 55 2.80 -1.44 -7.10
N ALA A 56 3.34 -2.53 -6.55
CA ALA A 56 4.44 -3.25 -7.21
C ALA A 56 3.86 -4.19 -8.24
N VAL A 57 4.53 -4.36 -9.38
CA VAL A 57 4.09 -5.38 -10.32
C VAL A 57 5.18 -6.42 -10.57
N PRO A 58 4.79 -7.71 -10.76
CA PRO A 58 5.88 -8.65 -10.96
C PRO A 58 6.54 -8.27 -12.26
N PHE A 59 7.87 -8.25 -12.20
CA PHE A 59 8.73 -7.83 -13.30
C PHE A 59 10.01 -8.66 -13.27
N ASP A 60 10.41 -9.18 -14.42
CA ASP A 60 11.70 -9.80 -14.53
C ASP A 60 12.47 -9.19 -15.68
N GLU A 61 13.80 -9.22 -15.59
CA GLU A 61 14.66 -8.87 -16.71
C GLU A 61 15.91 -9.75 -16.72
N ASP A 62 16.35 -10.07 -17.92
CA ASP A 62 17.56 -10.81 -18.08
C ASP A 62 18.72 -9.91 -17.68
N ASP A 63 19.61 -10.43 -16.84
CA ASP A 63 20.74 -9.63 -16.35
C ASP A 63 21.87 -9.69 -17.36
N LYS A 64 21.67 -10.40 -18.46
CA LYS A 64 22.71 -10.47 -19.46
C LYS A 64 22.29 -9.80 -20.73
N ASP A 65 21.00 -9.81 -21.04
CA ASP A 65 20.52 -8.94 -22.09
C ASP A 65 19.22 -8.30 -21.62
N ASP A 66 19.29 -7.15 -20.98
CA ASP A 66 18.06 -6.59 -20.47
C ASP A 66 17.05 -6.06 -21.53
N SER A 67 17.28 -6.36 -22.80
CA SER A 67 16.17 -6.25 -23.77
C SER A 67 15.23 -7.43 -23.60
N VAL A 68 15.69 -8.45 -22.87
CA VAL A 68 14.88 -9.56 -22.44
C VAL A 68 14.40 -9.17 -21.07
N TRP A 69 13.18 -8.66 -20.99
CA TRP A 69 12.50 -8.38 -19.72
C TRP A 69 11.01 -8.54 -19.90
N PHE A 70 10.31 -8.71 -18.79
CA PHE A 70 8.88 -8.81 -18.84
C PHE A 70 8.24 -8.10 -17.65
N LEU A 71 7.13 -7.45 -17.91
CA LEU A 71 6.38 -6.82 -16.86
C LEU A 71 4.97 -7.32 -17.05
N ASP A 72 4.29 -7.72 -15.98
CA ASP A 72 3.02 -8.40 -16.15
C ASP A 72 1.83 -7.42 -16.26
N HIS A 73 1.37 -7.13 -17.48
CA HIS A 73 0.38 -6.10 -17.68
C HIS A 73 -0.96 -6.55 -17.24
N ASP A 74 -1.21 -7.86 -17.28
CA ASP A 74 -2.48 -8.36 -16.73
C ASP A 74 -2.55 -8.07 -15.24
N TYR A 75 -1.46 -8.38 -14.53
CA TYR A 75 -1.37 -7.97 -13.15
C TYR A 75 -1.64 -6.50 -12.99
N LEU A 76 -0.95 -5.64 -13.73
CA LEU A 76 -1.12 -4.22 -13.39
C LEU A 76 -2.56 -3.85 -13.63
N GLU A 77 -3.13 -4.30 -14.73
CA GLU A 77 -4.51 -3.93 -15.01
C GLU A 77 -5.42 -4.39 -13.92
N ASN A 78 -5.22 -5.61 -13.44
CA ASN A 78 -6.05 -6.12 -12.36
C ASN A 78 -5.88 -5.33 -11.13
N MET A 79 -4.62 -5.14 -10.76
CA MET A 79 -4.35 -4.58 -9.47
C MET A 79 -4.94 -3.20 -9.41
N TYR A 80 -4.88 -2.50 -10.55
CA TYR A 80 -5.38 -1.17 -10.65
C TYR A 80 -6.89 -1.24 -10.55
N GLY A 81 -7.46 -2.25 -11.18
CA GLY A 81 -8.89 -2.49 -11.09
C GLY A 81 -9.29 -2.55 -9.62
N MET A 82 -8.57 -3.35 -8.84
CA MET A 82 -8.84 -3.47 -7.41
C MET A 82 -8.79 -2.12 -6.73
N PHE A 83 -7.79 -1.31 -7.07
CA PHE A 83 -7.64 0.02 -6.52
C PHE A 83 -8.86 0.90 -6.75
N LYS A 84 -9.38 0.93 -7.97
CA LYS A 84 -10.54 1.76 -8.23
C LYS A 84 -11.71 1.34 -7.34
N LYS A 85 -11.78 0.05 -6.99
CA LYS A 85 -12.88 -0.47 -6.20
C LYS A 85 -12.88 0.13 -4.83
N VAL A 86 -11.72 0.61 -4.40
CA VAL A 86 -11.55 1.21 -3.07
C VAL A 86 -11.16 2.68 -3.20
N ASN A 87 -9.87 2.97 -3.31
CA ASN A 87 -9.43 4.36 -3.46
C ASN A 87 -10.11 5.13 -4.60
N ALA A 88 -10.65 6.29 -4.26
CA ALA A 88 -11.25 7.22 -5.21
C ALA A 88 -10.29 7.46 -6.41
N ARG A 89 -10.64 8.45 -7.24
CA ARG A 89 -9.92 8.70 -8.49
C ARG A 89 -8.44 9.02 -8.25
N GLU A 90 -7.64 7.96 -8.22
CA GLU A 90 -6.23 8.06 -8.47
C GLU A 90 -6.13 7.39 -9.81
N ARG A 91 -5.21 7.81 -10.65
CA ARG A 91 -5.01 7.25 -11.96
C ARG A 91 -3.57 6.78 -12.08
N ILE A 92 -3.31 5.88 -13.03
CA ILE A 92 -1.96 5.47 -13.38
C ILE A 92 -1.30 6.66 -14.01
N VAL A 93 -0.22 7.13 -13.38
CA VAL A 93 0.41 8.37 -13.79
C VAL A 93 1.86 8.12 -14.19
N GLY A 94 2.37 6.94 -13.90
CA GLY A 94 3.68 6.57 -14.40
C GLY A 94 4.05 5.26 -13.75
N TRP A 95 5.34 5.08 -13.47
CA TRP A 95 5.79 3.87 -12.85
C TRP A 95 7.06 4.15 -12.12
N TYR A 96 7.64 3.14 -11.49
CA TYR A 96 8.79 3.44 -10.68
C TYR A 96 9.68 2.24 -10.69
N HIS A 97 10.92 2.42 -10.27
CA HIS A 97 11.79 1.31 -10.03
C HIS A 97 12.92 1.80 -9.16
N THR A 98 13.61 0.88 -8.50
CA THR A 98 14.45 1.29 -7.39
C THR A 98 15.88 1.54 -7.87
N GLY A 99 16.03 1.85 -9.14
CA GLY A 99 17.33 2.15 -9.72
C GLY A 99 18.48 1.37 -9.09
N PRO A 100 19.49 2.10 -8.56
CA PRO A 100 19.44 3.55 -8.34
C PRO A 100 19.54 4.43 -9.60
N LYS A 101 20.05 3.90 -10.72
CA LYS A 101 20.14 4.72 -11.93
C LYS A 101 19.15 4.25 -13.03
N LEU A 102 18.93 5.07 -14.06
CA LEU A 102 18.21 4.63 -15.27
C LEU A 102 18.77 3.31 -15.77
N HIS A 103 17.93 2.53 -16.43
CA HIS A 103 18.36 1.29 -17.09
C HIS A 103 18.15 1.37 -18.59
N LYS A 104 19.02 0.64 -19.30
CA LYS A 104 19.01 0.60 -20.77
C LYS A 104 17.57 0.45 -21.27
N ASN A 105 16.80 -0.40 -20.58
CA ASN A 105 15.45 -0.75 -21.00
C ASN A 105 14.26 0.11 -20.44
N ASP A 106 14.53 1.01 -19.49
CA ASP A 106 13.46 1.90 -18.99
C ASP A 106 12.71 2.61 -20.11
N ILE A 107 13.35 2.85 -21.24
CA ILE A 107 12.68 3.53 -22.34
C ILE A 107 11.63 2.60 -22.89
N ALA A 108 12.00 1.32 -23.01
CA ALA A 108 11.07 0.31 -23.51
C ALA A 108 10.01 0.06 -22.44
N ILE A 109 10.43 -0.12 -21.20
CA ILE A 109 9.46 -0.36 -20.14
C ILE A 109 8.48 0.82 -20.13
N ASN A 110 9.02 2.01 -20.25
CA ASN A 110 8.15 3.17 -20.26
C ASN A 110 7.12 3.10 -21.39
N GLU A 111 7.56 2.64 -22.55
CA GLU A 111 6.67 2.51 -23.70
C GLU A 111 5.52 1.58 -23.40
N LEU A 112 5.74 0.47 -22.68
CA LEU A 112 4.61 -0.35 -22.29
C LEU A 112 3.69 0.50 -21.42
N MET A 113 4.26 1.19 -20.44
CA MET A 113 3.46 1.98 -19.51
C MET A 113 2.68 3.05 -20.24
N LYS A 114 3.21 3.52 -21.37
CA LYS A 114 2.56 4.64 -22.00
C LYS A 114 1.22 4.16 -22.42
N ARG A 115 1.06 2.86 -22.54
CA ARG A 115 -0.24 2.34 -22.87
C ARG A 115 -1.27 2.76 -21.87
N TYR A 116 -0.87 2.99 -20.63
CA TYR A 116 -1.83 3.25 -19.56
C TYR A 116 -1.85 4.70 -19.19
N CYS A 117 -0.82 5.42 -19.59
CA CYS A 117 -0.72 6.83 -19.33
C CYS A 117 0.19 7.47 -20.36
N PRO A 118 -0.38 8.22 -21.32
CA PRO A 118 0.43 8.70 -22.44
C PRO A 118 1.59 9.59 -21.97
N ASN A 119 1.39 10.32 -20.88
CA ASN A 119 2.48 11.04 -20.21
C ASN A 119 2.92 10.32 -18.93
N SER A 120 3.24 9.04 -19.06
CA SER A 120 3.79 8.30 -17.94
C SER A 120 5.06 9.03 -17.51
N VAL A 121 5.34 9.00 -16.20
CA VAL A 121 6.52 9.58 -15.60
C VAL A 121 7.18 8.47 -14.80
N LEU A 122 8.43 8.17 -15.14
CA LEU A 122 9.24 7.19 -14.42
C LEU A 122 9.68 7.89 -13.18
N VAL A 123 9.61 7.27 -12.02
CA VAL A 123 10.28 7.86 -10.87
C VAL A 123 11.27 6.84 -10.30
N ILE A 124 12.55 7.16 -10.32
CA ILE A 124 13.50 6.25 -9.70
C ILE A 124 13.59 6.54 -8.20
N ILE A 125 13.01 5.64 -7.42
CA ILE A 125 13.03 5.75 -5.97
C ILE A 125 14.24 5.03 -5.40
N ASP A 126 15.20 5.81 -4.94
CA ASP A 126 16.39 5.22 -4.34
C ASP A 126 16.09 4.71 -2.95
N VAL A 127 16.43 3.46 -2.76
CA VAL A 127 15.96 2.69 -1.64
C VAL A 127 16.99 2.69 -0.51
N LYS A 128 18.25 2.93 -0.87
CA LYS A 128 19.35 2.97 0.08
C LYS A 128 19.22 4.15 1.05
N PRO A 129 19.47 3.91 2.35
CA PRO A 129 19.24 4.95 3.35
C PRO A 129 20.38 5.94 3.37
N LYS A 130 21.61 5.42 3.44
CA LYS A 130 22.85 6.21 3.34
C LYS A 130 23.04 6.68 1.90
N ASP A 131 22.08 7.47 1.42
CA ASP A 131 21.98 7.85 0.02
C ASP A 131 21.08 9.07 -0.15
N LEU A 134 18.59 13.62 -2.68
CA LEU A 134 17.14 13.47 -2.77
C LEU A 134 16.78 12.05 -3.21
N PRO A 135 15.75 11.42 -2.57
CA PRO A 135 15.54 9.99 -2.84
C PRO A 135 14.76 9.69 -4.14
N THR A 136 14.00 10.64 -4.66
CA THR A 136 13.28 10.40 -5.91
C THR A 136 13.89 11.16 -7.06
N GLU A 137 13.82 10.55 -8.23
CA GLU A 137 14.33 11.18 -9.41
C GLU A 137 13.35 10.92 -10.54
N ALA A 138 12.39 11.81 -10.74
CA ALA A 138 11.42 11.64 -11.83
C ALA A 138 12.06 11.90 -13.19
N TYR A 139 11.51 11.25 -14.22
CA TYR A 139 11.89 11.44 -15.63
C TYR A 139 10.63 11.35 -16.48
N ILE A 140 10.75 11.66 -17.76
CA ILE A 140 9.67 11.54 -18.69
C ILE A 140 10.30 11.42 -20.05
N SER A 141 9.72 10.57 -20.88
CA SER A 141 10.32 10.26 -22.16
C SER A 141 10.05 11.38 -23.14
N VAL A 142 11.12 11.94 -23.69
CA VAL A 142 10.95 12.88 -24.76
C VAL A 142 11.42 12.20 -26.01
N GLU A 143 10.76 12.52 -27.11
CA GLU A 143 11.14 12.05 -28.42
C GLU A 143 12.04 13.09 -29.07
N GLU A 144 13.32 12.77 -29.16
CA GLU A 144 14.29 13.66 -29.81
C GLU A 144 14.04 13.82 -31.33
N PRO A 151 17.72 7.48 -36.40
CA PRO A 151 16.45 8.14 -36.66
C PRO A 151 15.73 8.51 -35.36
N THR A 152 14.67 9.31 -35.48
CA THR A 152 13.85 9.82 -34.36
C THR A 152 14.04 8.98 -33.08
N SER A 153 14.95 9.42 -32.22
CA SER A 153 15.25 8.66 -31.01
C SER A 153 14.25 8.96 -29.90
N LYS A 154 14.48 8.38 -28.73
CA LYS A 154 13.59 8.54 -27.61
C LYS A 154 14.41 8.48 -26.35
N THR A 155 14.27 9.47 -25.50
CA THR A 155 14.99 9.43 -24.25
C THR A 155 14.37 10.24 -23.12
N PHE A 156 14.92 10.06 -21.93
CA PHE A 156 14.30 10.51 -20.71
C PHE A 156 14.87 11.83 -20.25
N GLU A 157 14.01 12.82 -20.07
CA GLU A 157 14.45 14.05 -19.47
C GLU A 157 14.14 14.07 -17.98
N HIS A 158 14.87 14.91 -17.23
CA HIS A 158 14.64 15.04 -15.80
C HIS A 158 13.49 15.94 -15.47
N VAL A 159 12.61 15.49 -14.59
CA VAL A 159 11.58 16.37 -14.08
C VAL A 159 11.79 16.55 -12.57
N THR A 160 11.64 17.81 -12.14
CA THR A 160 11.75 18.17 -10.75
C THR A 160 10.89 17.25 -9.90
N SER A 161 11.49 16.59 -8.91
CA SER A 161 10.69 15.82 -7.99
C SER A 161 11.11 16.07 -6.58
N GLU A 162 10.12 16.29 -5.73
CA GLU A 162 10.35 16.40 -4.31
C GLU A 162 9.28 15.56 -3.60
N ILE A 163 9.43 15.38 -2.29
CA ILE A 163 8.44 14.72 -1.47
C ILE A 163 7.61 15.77 -0.74
N GLY A 164 6.30 15.54 -0.55
CA GLY A 164 5.52 16.44 0.30
C GLY A 164 4.03 16.22 0.47
N ALA A 165 3.66 15.32 1.39
CA ALA A 165 2.25 15.17 1.80
C ALA A 165 1.95 15.96 3.08
N GLU A 166 0.68 16.35 3.21
CA GLU A 166 0.19 17.09 4.38
C GLU A 166 -0.08 16.13 5.54
N GLU A 167 0.71 16.30 6.61
CA GLU A 167 0.37 15.82 7.98
C GLU A 167 1.03 14.57 8.56
N ALA A 168 1.93 14.81 9.52
CA ALA A 168 2.42 13.80 10.48
C ALA A 168 3.03 12.60 9.78
N MET B 2 2.60 -18.48 31.02
CA MET B 2 1.20 -18.38 31.55
C MET B 2 0.23 -17.70 30.55
N PRO B 3 0.49 -17.86 29.22
CA PRO B 3 -0.24 -17.17 28.15
C PRO B 3 -1.43 -17.93 27.50
N GLU B 4 -2.65 -17.66 27.97
CA GLU B 4 -3.87 -18.25 27.40
C GLU B 4 -4.31 -17.58 26.08
N LEU B 5 -3.48 -16.62 25.62
CA LEU B 5 -3.76 -15.76 24.46
C LEU B 5 -2.73 -15.94 23.34
N ALA B 6 -3.20 -16.01 22.11
CA ALA B 6 -2.35 -16.22 20.93
C ALA B 6 -1.30 -15.11 20.76
N VAL B 7 -1.80 -13.87 20.80
CA VAL B 7 -0.97 -12.66 20.61
C VAL B 7 -0.99 -11.85 21.89
N GLN B 8 0.13 -11.21 22.23
CA GLN B 8 0.17 -10.34 23.41
C GLN B 8 0.72 -8.96 23.12
N LYS B 9 1.20 -8.77 21.90
CA LYS B 9 1.64 -7.48 21.40
C LYS B 9 1.53 -7.38 19.88
N VAL B 10 1.18 -6.21 19.38
CA VAL B 10 1.08 -5.94 17.95
C VAL B 10 1.96 -4.74 17.63
N VAL B 11 2.90 -4.91 16.71
CA VAL B 11 3.77 -3.82 16.28
C VAL B 11 3.27 -3.35 14.92
N VAL B 12 2.61 -2.21 14.88
CA VAL B 12 2.07 -1.73 13.61
C VAL B 12 3.06 -0.79 12.95
N HIS B 13 3.54 -1.14 11.77
CA HIS B 13 4.53 -0.31 11.12
C HIS B 13 3.94 0.95 10.50
N PRO B 14 4.74 2.03 10.47
CA PRO B 14 4.41 3.32 9.89
C PRO B 14 3.65 3.18 8.57
N LEU B 15 4.17 2.35 7.64
CA LEU B 15 3.47 2.15 6.37
C LEU B 15 2.00 1.97 6.67
N VAL B 16 1.68 0.95 7.43
CA VAL B 16 0.28 0.67 7.65
C VAL B 16 -0.45 1.94 8.11
N LEU B 17 0.06 2.56 9.15
CA LEU B 17 -0.63 3.68 9.72
C LEU B 17 -0.79 4.77 8.64
N LEU B 18 0.21 4.90 7.80
CA LEU B 18 0.25 5.91 6.77
C LEU B 18 -0.57 5.46 5.57
N SER B 19 -0.58 4.16 5.32
CA SER B 19 -1.47 3.50 4.36
C SER B 19 -2.90 3.86 4.67
N VAL B 20 -3.36 3.40 5.83
CA VAL B 20 -4.74 3.64 6.25
C VAL B 20 -5.09 5.10 6.33
N VAL B 21 -4.30 5.90 7.05
CA VAL B 21 -4.62 7.35 7.17
C VAL B 21 -4.87 7.97 5.79
N ASP B 22 -3.97 7.72 4.85
CA ASP B 22 -4.16 8.21 3.49
C ASP B 22 -5.45 7.65 2.90
N HIS B 23 -5.51 6.33 2.72
CA HIS B 23 -6.73 5.68 2.23
C HIS B 23 -7.99 6.30 2.81
N PHE B 24 -7.94 6.73 4.07
CA PHE B 24 -9.12 7.30 4.69
C PHE B 24 -9.44 8.67 4.12
N ASN B 25 -8.50 9.60 4.32
CA ASN B 25 -8.57 10.99 3.83
C ASN B 25 -8.62 11.08 2.31
N ARG B 26 -7.92 10.19 1.63
CA ARG B 26 -7.84 10.16 0.17
C ARG B 26 -9.21 10.00 -0.46
N ILE B 27 -10.07 9.25 0.21
CA ILE B 27 -11.43 9.06 -0.28
C ILE B 27 -12.44 10.00 0.42
N GLY B 28 -11.91 10.88 1.27
CA GLY B 28 -12.69 11.91 1.96
C GLY B 28 -13.06 13.11 1.11
N LYS B 29 -12.17 13.47 0.18
CA LYS B 29 -12.40 14.56 -0.78
C LYS B 29 -13.66 14.33 -1.61
N VAL B 30 -14.11 13.07 -1.68
CA VAL B 30 -15.41 12.71 -2.25
C VAL B 30 -16.42 12.37 -1.14
N GLY B 31 -16.71 13.37 -0.30
CA GLY B 31 -17.70 13.25 0.78
C GLY B 31 -17.74 11.91 1.49
N ASN B 32 -16.56 11.36 1.80
CA ASN B 32 -16.47 10.15 2.63
C ASN B 32 -17.00 10.47 4.02
N GLN B 33 -18.10 9.83 4.37
CA GLN B 33 -18.77 10.07 5.63
C GLN B 33 -18.31 9.08 6.71
N LYS B 34 -17.96 7.85 6.30
CA LYS B 34 -17.93 6.70 7.21
C LYS B 34 -16.55 6.08 7.40
N ARG B 35 -16.46 5.13 8.33
CA ARG B 35 -15.23 4.36 8.60
C ARG B 35 -14.82 3.39 7.51
N VAL B 36 -13.52 3.13 7.44
CA VAL B 36 -12.93 2.29 6.43
C VAL B 36 -12.58 0.97 7.08
N VAL B 37 -12.67 -0.14 6.34
CA VAL B 37 -12.34 -1.46 6.90
C VAL B 37 -11.35 -2.17 6.01
N GLY B 38 -10.44 -2.96 6.56
CA GLY B 38 -9.34 -3.48 5.77
C GLY B 38 -8.69 -4.69 6.40
N VAL B 39 -7.65 -5.18 5.75
CA VAL B 39 -6.99 -6.38 6.14
C VAL B 39 -5.57 -6.06 6.56
N LEU B 40 -5.02 -6.82 7.50
CA LEU B 40 -3.65 -6.60 7.92
C LEU B 40 -2.82 -7.75 7.44
N LEU B 41 -1.58 -7.48 7.09
CA LEU B 41 -0.69 -8.49 6.66
C LEU B 41 0.52 -8.34 7.50
N GLY B 42 1.06 -9.47 7.95
CA GLY B 42 2.32 -9.44 8.69
C GLY B 42 2.85 -10.78 9.13
N SER B 43 3.72 -10.77 10.13
CA SER B 43 4.45 -11.95 10.55
C SER B 43 4.20 -12.17 12.03
N TRP B 44 4.49 -13.37 12.50
CA TRP B 44 4.24 -13.79 13.88
C TRP B 44 5.57 -14.17 14.58
N GLN B 45 5.70 -13.81 15.85
CA GLN B 45 6.93 -14.16 16.61
C GLN B 45 6.60 -14.77 17.97
N LYS B 46 7.38 -14.38 18.96
CA LYS B 46 7.14 -14.83 20.31
C LYS B 46 5.92 -14.09 20.85
N LYS B 47 4.76 -14.40 20.28
CA LYS B 47 3.48 -13.72 20.56
C LYS B 47 3.48 -12.22 20.31
N VAL B 48 4.49 -11.72 19.60
CA VAL B 48 4.44 -10.39 19.04
C VAL B 48 3.86 -10.47 17.61
N LEU B 49 2.70 -9.89 17.38
CA LEU B 49 2.24 -9.82 16.01
C LEU B 49 2.88 -8.64 15.32
N ASP B 50 3.40 -8.88 14.14
CA ASP B 50 4.02 -7.83 13.39
C ASP B 50 3.15 -7.48 12.17
N VAL B 51 2.66 -6.25 12.12
CA VAL B 51 1.74 -5.84 11.09
C VAL B 51 2.49 -4.98 10.11
N SER B 52 2.90 -5.59 9.00
CA SER B 52 3.85 -4.96 8.09
C SER B 52 3.10 -4.18 7.04
N ASN B 53 1.95 -4.72 6.62
CA ASN B 53 1.27 -4.17 5.45
C ASN B 53 -0.20 -4.48 5.51
N SER B 54 -0.98 -3.86 4.64
CA SER B 54 -2.39 -3.80 4.84
C SER B 54 -3.08 -3.38 3.55
N PHE B 55 -4.25 -3.90 3.25
CA PHE B 55 -4.96 -3.34 2.13
C PHE B 55 -6.39 -3.10 2.49
N ALA B 56 -7.07 -2.19 1.78
CA ALA B 56 -8.44 -1.83 2.14
C ALA B 56 -9.34 -2.75 1.41
N VAL B 57 -10.47 -3.13 2.00
CA VAL B 57 -11.47 -3.91 1.27
C VAL B 57 -12.84 -3.22 1.22
N PRO B 58 -13.56 -3.34 0.08
CA PRO B 58 -14.84 -2.62 0.11
C PRO B 58 -15.67 -3.25 1.17
N PHE B 59 -16.32 -2.38 1.94
CA PHE B 59 -17.15 -2.74 3.08
C PHE B 59 -18.27 -1.74 3.20
N ASP B 60 -19.48 -2.25 3.40
CA ASP B 60 -20.58 -1.39 3.75
C ASP B 60 -21.25 -1.87 5.03
N GLU B 61 -21.85 -0.94 5.78
CA GLU B 61 -22.73 -1.32 6.85
C GLU B 61 -23.89 -0.36 6.90
N ASP B 62 -25.07 -0.89 7.23
CA ASP B 62 -26.24 -0.09 7.45
C ASP B 62 -25.99 0.75 8.68
N ASP B 63 -26.24 2.05 8.58
CA ASP B 63 -26.03 2.96 9.73
C ASP B 63 -27.24 2.93 10.64
N LYS B 64 -28.25 2.14 10.32
CA LYS B 64 -29.40 2.02 11.20
C LYS B 64 -29.45 0.68 11.86
N ASP B 65 -29.04 -0.38 11.19
CA ASP B 65 -28.89 -1.62 11.89
C ASP B 65 -27.56 -2.22 11.45
N ASP B 66 -26.49 -1.94 12.15
CA ASP B 66 -25.20 -2.44 11.69
C ASP B 66 -24.99 -3.96 11.83
N SER B 67 -26.05 -4.71 12.10
CA SER B 67 -25.99 -6.15 11.85
C SER B 67 -26.17 -6.39 10.34
N VAL B 68 -26.62 -5.34 9.64
CA VAL B 68 -26.64 -5.31 8.19
C VAL B 68 -25.32 -4.67 7.78
N TRP B 69 -24.35 -5.51 7.44
CA TRP B 69 -23.10 -5.03 6.88
C TRP B 69 -22.60 -6.10 5.93
N PHE B 70 -21.69 -5.71 5.05
CA PHE B 70 -21.08 -6.61 4.12
C PHE B 70 -19.65 -6.22 3.92
N LEU B 71 -18.81 -7.24 3.82
CA LEU B 71 -17.40 -7.04 3.54
C LEU B 71 -17.12 -8.00 2.42
N ASP B 72 -16.38 -7.56 1.40
CA ASP B 72 -16.26 -8.35 0.19
C ASP B 72 -15.12 -9.39 0.24
N HIS B 73 -15.44 -10.63 0.64
CA HIS B 73 -14.41 -11.65 0.81
C HIS B 73 -13.75 -12.08 -0.48
N ASP B 74 -14.48 -12.00 -1.58
CA ASP B 74 -13.85 -12.27 -2.86
C ASP B 74 -12.75 -11.27 -3.15
N TYR B 75 -13.05 -9.98 -2.95
CA TYR B 75 -12.02 -8.98 -3.04
C TYR B 75 -10.87 -9.35 -2.13
N LEU B 76 -11.12 -9.60 -0.85
CA LEU B 76 -9.95 -9.72 0.01
C LEU B 76 -9.09 -10.87 -0.47
N GLU B 77 -9.73 -11.96 -0.87
CA GLU B 77 -8.98 -13.12 -1.30
C GLU B 77 -8.16 -12.83 -2.53
N ASN B 78 -8.75 -12.12 -3.48
CA ASN B 78 -8.00 -11.73 -4.67
C ASN B 78 -6.87 -10.83 -4.36
N MET B 79 -7.16 -9.80 -3.57
CA MET B 79 -6.18 -8.77 -3.35
C MET B 79 -5.00 -9.38 -2.64
N TYR B 80 -5.28 -10.29 -1.71
CA TYR B 80 -4.23 -10.99 -1.01
C TYR B 80 -3.49 -11.88 -1.98
N GLY B 81 -4.22 -12.53 -2.86
CA GLY B 81 -3.58 -13.28 -3.93
C GLY B 81 -2.57 -12.43 -4.67
N MET B 82 -2.98 -11.22 -5.07
CA MET B 82 -2.07 -10.29 -5.76
C MET B 82 -0.83 -10.03 -4.95
N PHE B 83 -1.02 -9.80 -3.65
CA PHE B 83 0.08 -9.54 -2.74
C PHE B 83 1.12 -10.65 -2.70
N LYS B 84 0.67 -11.89 -2.66
CA LYS B 84 1.60 -13.00 -2.63
C LYS B 84 2.46 -12.99 -3.90
N LYS B 85 1.87 -12.56 -5.02
CA LYS B 85 2.58 -12.55 -6.29
C LYS B 85 3.78 -11.62 -6.27
N VAL B 86 3.77 -10.68 -5.33
CA VAL B 86 4.83 -9.69 -5.20
C VAL B 86 5.49 -9.82 -3.84
N ASN B 87 4.95 -9.15 -2.83
CA ASN B 87 5.53 -9.25 -1.47
C ASN B 87 5.68 -10.69 -0.95
N ALA B 88 6.91 -11.01 -0.53
CA ALA B 88 7.22 -12.28 0.11
C ALA B 88 6.19 -12.63 1.22
N ARG B 89 6.52 -13.63 2.03
CA ARG B 89 5.59 -14.16 3.01
C ARG B 89 5.19 -13.10 4.05
N GLU B 90 4.14 -12.37 3.73
CA GLU B 90 3.34 -11.67 4.70
C GLU B 90 2.06 -12.47 4.67
N ARG B 91 1.38 -12.59 5.79
CA ARG B 91 0.14 -13.35 5.85
C ARG B 91 -0.94 -12.42 6.37
N ILE B 92 -2.20 -12.78 6.12
CA ILE B 92 -3.35 -12.13 6.76
C ILE B 92 -3.27 -12.44 8.24
N VAL B 93 -3.17 -11.37 9.05
CA VAL B 93 -2.92 -11.54 10.47
C VAL B 93 -4.02 -10.87 11.27
N GLY B 94 -4.85 -10.10 10.59
CA GLY B 94 -6.05 -9.59 11.21
C GLY B 94 -6.69 -8.62 10.27
N TRP B 95 -7.34 -7.61 10.83
CA TRP B 95 -7.92 -6.59 9.98
C TRP B 95 -7.90 -5.30 10.71
N TYR B 96 -8.45 -4.27 10.11
CA TYR B 96 -8.40 -3.00 10.77
C TYR B 96 -9.61 -2.21 10.38
N HIS B 97 -9.87 -1.14 11.11
CA HIS B 97 -10.88 -0.18 10.72
C HIS B 97 -10.58 1.08 11.46
N THR B 98 -11.15 2.20 11.01
CA THR B 98 -10.68 3.49 11.48
C THR B 98 -11.51 4.01 12.65
N GLY B 99 -12.16 3.09 13.36
CA GLY B 99 -12.94 3.46 14.54
C GLY B 99 -13.64 4.80 14.46
N PRO B 100 -13.36 5.70 15.43
CA PRO B 100 -12.30 5.55 16.43
C PRO B 100 -12.56 4.52 17.53
N LYS B 101 -13.80 4.11 17.75
CA LYS B 101 -14.07 3.09 18.80
C LYS B 101 -14.54 1.75 18.20
N LEU B 102 -14.45 0.66 18.96
CA LEU B 102 -15.09 -0.62 18.58
C LEU B 102 -16.52 -0.41 18.09
N HIS B 103 -17.00 -1.30 17.24
CA HIS B 103 -18.37 -1.24 16.75
C HIS B 103 -19.09 -2.49 17.15
N LYS B 104 -20.42 -2.35 17.29
CA LYS B 104 -21.29 -3.45 17.73
C LYS B 104 -20.96 -4.69 16.91
N ASN B 105 -20.74 -4.49 15.61
CA ASN B 105 -20.54 -5.60 14.67
C ASN B 105 -19.09 -6.13 14.47
N ASP B 106 -18.09 -5.43 15.01
CA ASP B 106 -16.68 -5.86 14.91
C ASP B 106 -16.51 -7.32 15.29
N ILE B 107 -17.33 -7.82 16.22
CA ILE B 107 -17.21 -9.20 16.66
C ILE B 107 -17.61 -10.11 15.52
N ALA B 108 -18.72 -9.77 14.86
CA ALA B 108 -19.14 -10.52 13.68
C ALA B 108 -18.16 -10.31 12.55
N ILE B 109 -17.79 -9.07 12.23
CA ILE B 109 -16.78 -8.85 11.20
C ILE B 109 -15.54 -9.71 11.51
N ASN B 110 -15.10 -9.67 12.75
CA ASN B 110 -13.95 -10.44 13.10
C ASN B 110 -14.15 -11.93 12.78
N GLU B 111 -15.34 -12.43 13.03
CA GLU B 111 -15.63 -13.83 12.78
C GLU B 111 -15.44 -14.14 11.32
N LEU B 112 -15.86 -13.27 10.41
CA LEU B 112 -15.59 -13.50 9.00
C LEU B 112 -14.08 -13.62 8.83
N MET B 113 -13.34 -12.65 9.38
CA MET B 113 -11.90 -12.63 9.22
C MET B 113 -11.28 -13.88 9.78
N LYS B 114 -11.93 -14.50 10.77
CA LYS B 114 -11.24 -15.59 11.42
C LYS B 114 -11.11 -16.66 10.39
N ARG B 115 -11.93 -16.58 9.37
CA ARG B 115 -11.82 -17.55 8.30
C ARG B 115 -10.42 -17.57 7.74
N TYR B 116 -9.76 -16.41 7.74
CA TYR B 116 -8.48 -16.24 7.07
C TYR B 116 -7.31 -16.26 8.01
N CYS B 117 -7.60 -16.01 9.28
CA CYS B 117 -6.59 -16.08 10.30
C CYS B 117 -7.28 -16.37 11.61
N PRO B 118 -7.08 -17.59 12.16
CA PRO B 118 -7.84 -18.03 13.35
C PRO B 118 -7.60 -17.12 14.56
N ASN B 119 -6.40 -16.58 14.68
CA ASN B 119 -6.09 -15.53 15.66
C ASN B 119 -6.00 -14.19 14.99
N SER B 120 -7.03 -13.84 14.24
CA SER B 120 -7.10 -12.50 13.67
C SER B 120 -7.02 -11.53 14.84
N VAL B 121 -6.39 -10.38 14.57
CA VAL B 121 -6.31 -9.28 15.52
C VAL B 121 -6.89 -8.05 14.84
N LEU B 122 -7.88 -7.43 15.49
CA LEU B 122 -8.46 -6.17 15.01
C LEU B 122 -7.48 -5.08 15.40
N VAL B 123 -7.20 -4.14 14.54
CA VAL B 123 -6.48 -2.96 15.02
C VAL B 123 -7.29 -1.74 14.64
N ILE B 124 -7.73 -0.99 15.63
CA ILE B 124 -8.44 0.26 15.33
C ILE B 124 -7.44 1.37 15.15
N ILE B 125 -7.23 1.74 13.90
CA ILE B 125 -6.33 2.84 13.57
C ILE B 125 -7.05 4.17 13.61
N ASP B 126 -6.73 4.99 14.60
CA ASP B 126 -7.34 6.30 14.68
C ASP B 126 -6.69 7.26 13.69
N VAL B 127 -7.55 7.86 12.88
CA VAL B 127 -7.15 8.52 11.68
C VAL B 127 -7.02 10.03 11.94
N LYS B 128 -7.74 10.52 12.95
CA LYS B 128 -7.70 11.92 13.36
C LYS B 128 -6.30 12.31 13.86
N PRO B 129 -5.82 13.52 13.46
CA PRO B 129 -4.45 13.91 13.79
C PRO B 129 -4.37 14.46 15.21
N LYS B 130 -5.28 15.40 15.51
CA LYS B 130 -5.47 15.96 16.86
C LYS B 130 -6.11 14.90 17.77
N ASP B 131 -5.40 13.78 17.94
CA ASP B 131 -5.95 12.60 18.60
C ASP B 131 -4.82 11.64 19.00
N GLY B 133 -4.37 10.27 22.19
CA GLY B 133 -3.55 9.12 22.61
C GLY B 133 -2.97 8.34 21.46
N LEU B 134 -2.24 7.26 21.78
CA LEU B 134 -1.63 6.34 20.80
C LEU B 134 -2.60 6.04 19.63
N PRO B 135 -2.09 6.01 18.37
CA PRO B 135 -3.04 5.95 17.25
C PRO B 135 -3.61 4.56 16.95
N THR B 136 -2.94 3.49 17.37
CA THR B 136 -3.48 2.15 17.16
C THR B 136 -3.99 1.53 18.44
N GLU B 137 -5.03 0.74 18.31
CA GLU B 137 -5.55 0.04 19.45
C GLU B 137 -5.91 -1.36 19.00
N ALA B 138 -5.01 -2.32 19.20
CA ALA B 138 -5.28 -3.72 18.83
C ALA B 138 -6.23 -4.36 19.81
N TYR B 139 -6.98 -5.36 19.32
CA TYR B 139 -7.88 -6.21 20.10
C TYR B 139 -7.82 -7.60 19.52
N ILE B 140 -8.38 -8.55 20.24
CA ILE B 140 -8.46 -9.92 19.78
C ILE B 140 -9.66 -10.50 20.46
N SER B 141 -10.39 -11.35 19.74
CA SER B 141 -11.65 -11.85 20.25
C SER B 141 -11.39 -12.97 21.22
N VAL B 142 -11.89 -12.81 22.44
CA VAL B 142 -11.83 -13.92 23.37
C VAL B 142 -13.24 -14.42 23.52
N GLU B 143 -13.35 -15.73 23.70
CA GLU B 143 -14.62 -16.39 24.00
C GLU B 143 -14.76 -16.50 25.51
N GLU B 144 -15.65 -15.68 26.07
CA GLU B 144 -15.98 -15.74 27.50
C GLU B 144 -16.66 -17.06 27.90
N PRO B 151 -25.49 -17.29 26.86
CA PRO B 151 -24.60 -18.43 26.68
C PRO B 151 -23.23 -17.98 26.18
N THR B 152 -22.27 -18.91 26.21
CA THR B 152 -20.88 -18.68 25.75
C THR B 152 -20.76 -17.44 24.84
N SER B 153 -20.44 -16.29 25.43
CA SER B 153 -20.35 -15.06 24.67
C SER B 153 -19.02 -14.93 23.94
N LYS B 154 -18.80 -13.78 23.30
CA LYS B 154 -17.58 -13.53 22.57
C LYS B 154 -17.30 -12.05 22.62
N THR B 155 -16.09 -11.69 23.00
CA THR B 155 -15.73 -10.30 23.05
C THR B 155 -14.24 -10.03 22.95
N PHE B 156 -13.93 -8.75 22.75
CA PHE B 156 -12.61 -8.32 22.34
C PHE B 156 -11.83 -7.88 23.54
N GLU B 157 -10.63 -8.42 23.68
CA GLU B 157 -9.74 -7.97 24.73
C GLU B 157 -8.68 -7.08 24.10
N HIS B 158 -8.09 -6.18 24.89
CA HIS B 158 -7.04 -5.28 24.42
C HIS B 158 -5.70 -5.96 24.32
N VAL B 159 -5.02 -5.77 23.21
CA VAL B 159 -3.65 -6.23 23.11
C VAL B 159 -2.76 -5.01 22.92
N THR B 160 -1.61 -5.05 23.59
CA THR B 160 -0.62 -3.98 23.54
C THR B 160 -0.29 -3.69 22.09
N SER B 161 -0.40 -2.43 21.67
CA SER B 161 0.04 -2.11 20.33
C SER B 161 0.82 -0.83 20.34
N GLU B 162 1.95 -0.85 19.66
CA GLU B 162 2.73 0.34 19.44
C GLU B 162 3.18 0.34 17.98
N ILE B 163 3.76 1.44 17.54
CA ILE B 163 4.32 1.56 16.19
C ILE B 163 5.83 1.38 16.25
N GLY B 164 6.44 0.76 15.25
CA GLY B 164 7.90 0.68 15.24
C GLY B 164 8.63 -0.09 14.15
N ALA B 165 8.78 0.54 12.99
CA ALA B 165 9.62 0.00 11.90
C ALA B 165 11.03 0.60 11.93
N GLU B 166 12.00 -0.17 11.43
CA GLU B 166 13.39 0.25 11.33
C GLU B 166 13.62 1.14 10.11
N GLU B 167 13.94 2.40 10.36
CA GLU B 167 14.61 3.31 9.40
C GLU B 167 13.82 4.39 8.67
N ALA B 168 14.00 5.62 9.16
CA ALA B 168 13.88 6.87 8.39
C ALA B 168 12.60 7.72 8.46
N GLU B 169 12.77 8.84 9.18
CA GLU B 169 11.77 9.89 9.29
C GLU B 169 11.96 10.94 8.18
#